data_8QK2
#
_entry.id   8QK2
#
_cell.length_a   60.204
_cell.length_b   60.204
_cell.length_c   286.779
_cell.angle_alpha   90.00
_cell.angle_beta   90.00
_cell.angle_gamma   120.00
#
_symmetry.space_group_name_H-M   'P 61 2 2'
#
loop_
_entity.id
_entity.type
_entity.pdbx_description
1 polymer 'UDP-2,3-diacylglucosamine hydrolase'
2 non-polymer 'MANGANESE (II) ION'
3 non-polymer ~{N}-[4-[4-(4-cyano-6-methyl-pyrimidin-2-yl)piperazin-1-yl]sulfonylphenyl]-2-[methyl(methylsulfonyl)amino]benzamide
4 water water
#
_entity_poly.entity_id   1
_entity_poly.type   'polypeptide(L)'
_entity_poly.pdbx_seq_one_letter_code
;MATLFIADLHLQTEEPEITAGFLRFLQGEARQADALYILGDLFEAWIGDDDPNPLHQQIASAIKAVVDAGVPCYFIHGNR
DFLVGQRFARQSGMILLAEEERLDLYGREVLIMHGDTLCTDDQGYLAFRAKVHTPWIQRLFLALPLFIRHRIAARMRADS
KAANSSKSMEIMDVNPQAVVDAMERHHVQWLIHGHTHRPAVHELQANGQPAWRVVLGAWHSEGSMVKVTPDDVELIHFPF
HHHHHH
;
_entity_poly.pdbx_strand_id   A
#
loop_
_chem_comp.id
_chem_comp.type
_chem_comp.name
_chem_comp.formula
MN non-polymer 'MANGANESE (II) ION' 'Mn 2'
VTF non-polymer ~{N}-[4-[4-(4-cyano-6-methyl-pyrimidin-2-yl)piperazin-1-yl]sulfonylphenyl]-2-[methyl(methylsulfonyl)amino]benzamide 'C25 H27 N7 O5 S2'
#
# COMPACT_ATOMS: atom_id res chain seq x y z
N ALA A 2 -10.02 -1.53 -16.62
CA ALA A 2 -9.90 -2.04 -15.24
C ALA A 2 -8.91 -1.17 -14.46
N THR A 3 -9.21 -0.96 -13.18
CA THR A 3 -8.30 -0.33 -12.24
C THR A 3 -7.80 -1.39 -11.26
N LEU A 4 -6.48 -1.38 -10.98
CA LEU A 4 -5.82 -2.41 -10.19
C LEU A 4 -5.33 -1.82 -8.87
N PHE A 5 -5.43 -2.64 -7.81
CA PHE A 5 -5.00 -2.29 -6.48
C PHE A 5 -4.11 -3.41 -5.99
N ILE A 6 -2.92 -3.05 -5.45
CA ILE A 6 -2.02 -4.01 -4.84
C ILE A 6 -1.53 -3.39 -3.53
N ALA A 7 -0.95 -4.22 -2.66
CA ALA A 7 -0.36 -3.75 -1.42
C ALA A 7 0.51 -4.85 -0.80
N ASP A 8 1.29 -4.48 0.23
CA ASP A 8 1.97 -5.44 1.08
C ASP A 8 2.92 -6.34 0.29
N LEU A 9 3.67 -5.72 -0.63
CA LEU A 9 4.75 -6.41 -1.33
C LEU A 9 5.97 -6.63 -0.44
N HIS A 10 6.19 -5.73 0.53
CA HIS A 10 7.30 -5.85 1.47
C HIS A 10 8.63 -6.11 0.75
N LEU A 11 8.91 -5.32 -0.30
CA LEU A 11 10.06 -5.58 -1.14
C LEU A 11 11.34 -5.32 -0.33
N GLN A 12 12.37 -6.13 -0.60
CA GLN A 12 13.63 -6.06 0.11
C GLN A 12 14.68 -6.88 -0.63
N THR A 13 15.94 -6.48 -0.41
CA THR A 13 17.14 -7.07 -0.98
C THR A 13 17.13 -8.58 -0.75
N GLU A 14 16.70 -9.01 0.45
CA GLU A 14 16.72 -10.41 0.86
C GLU A 14 15.74 -11.29 0.06
N GLU A 15 14.78 -10.69 -0.67
CA GLU A 15 13.70 -11.46 -1.28
C GLU A 15 13.62 -11.15 -2.77
N PRO A 16 14.67 -11.48 -3.57
CA PRO A 16 14.69 -11.15 -5.00
C PRO A 16 13.57 -11.76 -5.83
N GLU A 17 13.02 -12.91 -5.38
CA GLU A 17 11.99 -13.60 -6.14
C GLU A 17 10.67 -12.81 -6.08
N ILE A 18 10.42 -12.09 -4.98
CA ILE A 18 9.22 -11.25 -4.92
C ILE A 18 9.40 -10.06 -5.85
N THR A 19 10.58 -9.46 -5.84
CA THR A 19 10.91 -8.36 -6.74
C THR A 19 10.72 -8.75 -8.21
N ALA A 20 11.14 -9.97 -8.59
CA ALA A 20 11.00 -10.46 -9.97
C ALA A 20 9.52 -10.64 -10.33
N GLY A 21 8.73 -11.19 -9.39
CA GLY A 21 7.28 -11.31 -9.57
C GLY A 21 6.63 -9.94 -9.77
N PHE A 22 7.02 -8.96 -8.94
CA PHE A 22 6.54 -7.60 -9.13
C PHE A 22 6.97 -7.02 -10.48
N LEU A 23 8.22 -7.22 -10.92
CA LEU A 23 8.65 -6.65 -12.19
C LEU A 23 7.85 -7.27 -13.36
N ARG A 24 7.58 -8.57 -13.25
CA ARG A 24 6.80 -9.26 -14.29
C ARG A 24 5.39 -8.69 -14.36
N PHE A 25 4.78 -8.48 -13.19
CA PHE A 25 3.47 -7.86 -13.08
C PHE A 25 3.43 -6.44 -13.67
N LEU A 26 4.47 -5.63 -13.44
CA LEU A 26 4.49 -4.26 -13.95
C LEU A 26 4.63 -4.24 -15.48
N GLN A 27 5.35 -5.24 -15.99
CA GLN A 27 5.65 -5.35 -17.42
C GLN A 27 4.48 -5.98 -18.17
N GLY A 28 3.62 -6.73 -17.47
CA GLY A 28 2.51 -7.42 -18.10
C GLY A 28 1.17 -6.81 -17.71
N GLU A 29 0.56 -7.40 -16.68
CA GLU A 29 -0.75 -7.05 -16.21
C GLU A 29 -0.99 -5.54 -16.16
N ALA A 30 -0.03 -4.82 -15.55
CA ALA A 30 -0.20 -3.41 -15.21
C ALA A 30 -0.39 -2.53 -16.46
N ARG A 31 0.26 -2.93 -17.56
CA ARG A 31 0.26 -2.17 -18.80
C ARG A 31 -1.13 -2.11 -19.43
N GLN A 32 -2.00 -3.07 -19.06
CA GLN A 32 -3.32 -3.17 -19.66
C GLN A 32 -4.31 -2.33 -18.87
N ALA A 33 -3.91 -1.77 -17.71
CA ALA A 33 -4.83 -1.13 -16.77
C ALA A 33 -5.04 0.34 -17.09
N ASP A 34 -6.11 0.91 -16.51
CA ASP A 34 -6.40 2.33 -16.56
C ASP A 34 -5.55 3.09 -15.54
N ALA A 35 -5.25 2.42 -14.42
CA ALA A 35 -4.49 3.00 -13.33
C ALA A 35 -4.08 1.88 -12.38
N LEU A 36 -3.00 2.13 -11.64
CA LEU A 36 -2.50 1.21 -10.63
C LEU A 36 -2.36 1.96 -9.29
N TYR A 37 -3.00 1.42 -8.25
CA TYR A 37 -2.93 1.97 -6.91
C TYR A 37 -2.17 1.00 -6.02
N ILE A 38 -1.17 1.53 -5.31
CA ILE A 38 -0.38 0.73 -4.39
C ILE A 38 -0.67 1.25 -2.98
N LEU A 39 -1.34 0.39 -2.20
CA LEU A 39 -1.95 0.79 -0.95
C LEU A 39 -1.03 0.44 0.22
N GLY A 40 0.27 0.75 0.06
CA GLY A 40 1.19 0.79 1.19
C GLY A 40 1.94 -0.53 1.37
N ASP A 41 3.03 -0.46 2.15
CA ASP A 41 3.96 -1.56 2.38
C ASP A 41 4.44 -2.11 1.04
N LEU A 42 4.73 -1.18 0.10
CA LEU A 42 5.50 -1.51 -1.08
C LEU A 42 6.90 -2.00 -0.68
N PHE A 43 7.48 -1.37 0.36
CA PHE A 43 8.81 -1.73 0.82
C PHE A 43 8.72 -2.24 2.26
N GLU A 44 9.61 -3.17 2.60
CA GLU A 44 9.69 -3.74 3.93
C GLU A 44 10.15 -2.71 4.96
N ALA A 45 10.91 -1.71 4.48
CA ALA A 45 11.46 -0.65 5.32
C ALA A 45 11.76 0.57 4.45
N TRP A 46 11.76 1.74 5.11
CA TRP A 46 12.21 2.94 4.45
C TRP A 46 12.75 3.91 5.51
N ILE A 47 13.97 4.40 5.28
CA ILE A 47 14.63 5.32 6.21
C ILE A 47 14.92 6.63 5.51
N GLY A 48 14.39 6.80 4.28
CA GLY A 48 14.47 8.06 3.55
C GLY A 48 14.84 7.86 2.09
N ASP A 49 14.49 8.86 1.28
CA ASP A 49 14.62 8.81 -0.16
C ASP A 49 16.07 8.96 -0.60
N ASP A 50 16.96 9.34 0.33
CA ASP A 50 18.36 9.57 0.03
C ASP A 50 19.14 8.26 0.15
N ASP A 51 18.45 7.19 0.56
CA ASP A 51 19.02 5.86 0.63
C ASP A 51 19.42 5.38 -0.77
N PRO A 52 20.70 5.05 -1.03
CA PRO A 52 21.12 4.66 -2.38
C PRO A 52 20.90 3.18 -2.70
N ASN A 53 20.21 2.47 -1.80
CA ASN A 53 19.88 1.06 -2.00
C ASN A 53 19.52 0.87 -3.48
N PRO A 54 20.22 -0.02 -4.23
CA PRO A 54 19.97 -0.19 -5.67
C PRO A 54 18.55 -0.70 -5.98
N LEU A 55 17.97 -1.49 -5.06
CA LEU A 55 16.60 -1.96 -5.19
C LEU A 55 15.65 -0.79 -5.38
N HIS A 56 15.88 0.30 -4.63
CA HIS A 56 14.96 1.44 -4.69
C HIS A 56 14.90 2.00 -6.10
N GLN A 57 16.03 2.03 -6.79
CA GLN A 57 16.08 2.61 -8.13
C GLN A 57 15.55 1.62 -9.18
N GLN A 58 15.80 0.32 -8.98
CA GLN A 58 15.24 -0.68 -9.87
C GLN A 58 13.71 -0.62 -9.81
N ILE A 59 13.13 -0.51 -8.61
CA ILE A 59 11.69 -0.39 -8.44
C ILE A 59 11.17 0.93 -9.05
N ALA A 60 11.77 2.08 -8.74
CA ALA A 60 11.26 3.34 -9.30
C ALA A 60 11.31 3.30 -10.83
N SER A 61 12.38 2.73 -11.37
CA SER A 61 12.55 2.67 -12.81
C SER A 61 11.44 1.82 -13.45
N ALA A 62 11.09 0.68 -12.84
CA ALA A 62 10.03 -0.18 -13.35
C ALA A 62 8.66 0.50 -13.28
N ILE A 63 8.38 1.23 -12.19
CA ILE A 63 7.09 1.89 -12.02
C ILE A 63 6.97 3.04 -13.03
N LYS A 64 8.07 3.77 -13.23
CA LYS A 64 8.12 4.90 -14.14
C LYS A 64 7.81 4.47 -15.58
N ALA A 65 8.31 3.29 -15.98
CA ALA A 65 8.01 2.72 -17.29
C ALA A 65 6.50 2.55 -17.50
N VAL A 66 5.81 2.04 -16.45
CA VAL A 66 4.36 1.92 -16.44
C VAL A 66 3.69 3.29 -16.59
N VAL A 67 4.14 4.29 -15.80
CA VAL A 67 3.56 5.62 -15.87
C VAL A 67 3.78 6.21 -17.25
N ASP A 68 5.00 6.04 -17.81
CA ASP A 68 5.36 6.58 -19.11
C ASP A 68 4.60 5.86 -20.23
N ALA A 69 4.15 4.63 -19.98
CA ALA A 69 3.39 3.89 -20.99
C ALA A 69 1.92 4.30 -20.95
N GLY A 70 1.53 5.25 -20.07
CA GLY A 70 0.20 5.83 -20.08
C GLY A 70 -0.71 5.31 -18.96
N VAL A 71 -0.13 4.63 -17.95
CA VAL A 71 -0.91 4.10 -16.86
C VAL A 71 -0.50 4.82 -15.58
N PRO A 72 -1.31 5.80 -15.10
CA PRO A 72 -1.04 6.48 -13.83
C PRO A 72 -0.87 5.50 -12.68
N CYS A 73 0.17 5.71 -11.86
CA CYS A 73 0.37 4.95 -10.64
C CYS A 73 0.26 5.88 -9.45
N TYR A 74 -0.36 5.37 -8.37
CA TYR A 74 -0.63 6.14 -7.17
C TYR A 74 -0.17 5.32 -5.97
N PHE A 75 0.09 6.02 -4.85
CA PHE A 75 0.63 5.40 -3.66
C PHE A 75 0.00 5.98 -2.40
N ILE A 76 -0.40 5.08 -1.48
CA ILE A 76 -0.76 5.41 -0.12
C ILE A 76 0.25 4.69 0.76
N HIS A 77 0.79 5.41 1.76
CA HIS A 77 1.81 4.89 2.66
C HIS A 77 1.27 3.75 3.53
N GLY A 78 2.13 2.76 3.80
CA GLY A 78 1.90 1.77 4.84
C GLY A 78 2.59 2.14 6.15
N ASN A 79 2.53 1.25 7.13
CA ASN A 79 3.25 1.43 8.39
C ASN A 79 4.75 1.25 8.16
N ARG A 80 5.12 0.48 7.14
CA ARG A 80 6.52 0.12 6.93
C ARG A 80 7.23 1.26 6.18
N ASP A 81 6.53 1.92 5.25
CA ASP A 81 7.19 2.79 4.29
C ASP A 81 6.58 4.19 4.31
N PHE A 82 6.24 4.65 5.51
CA PHE A 82 5.66 5.98 5.72
C PHE A 82 6.63 7.12 5.37
N LEU A 83 7.93 6.85 5.25
CA LEU A 83 8.92 7.88 4.97
C LEU A 83 9.16 8.03 3.47
N VAL A 84 8.49 7.23 2.63
CA VAL A 84 8.55 7.45 1.19
C VAL A 84 8.09 8.87 0.90
N GLY A 85 8.86 9.58 0.10
CA GLY A 85 8.70 11.03 -0.03
C GLY A 85 8.66 11.48 -1.48
N GLN A 86 8.69 12.81 -1.67
CA GLN A 86 8.40 13.38 -2.98
C GLN A 86 9.53 13.08 -3.96
N ARG A 87 10.75 12.86 -3.44
CA ARG A 87 11.88 12.51 -4.28
C ARG A 87 11.67 11.13 -4.91
N PHE A 88 11.25 10.14 -4.12
CA PHE A 88 10.94 8.83 -4.69
C PHE A 88 9.77 8.94 -5.68
N ALA A 89 8.78 9.74 -5.32
CA ALA A 89 7.64 10.00 -6.18
C ALA A 89 8.10 10.48 -7.56
N ARG A 90 9.09 11.40 -7.55
CA ARG A 90 9.62 11.94 -8.79
C ARG A 90 10.38 10.88 -9.57
N GLN A 91 11.29 10.16 -8.91
CA GLN A 91 12.02 9.07 -9.51
C GLN A 91 11.08 8.03 -10.11
N SER A 92 9.95 7.75 -9.43
CA SER A 92 9.08 6.65 -9.83
C SER A 92 7.95 7.09 -10.75
N GLY A 93 7.66 8.40 -10.78
CA GLY A 93 6.50 8.90 -11.50
C GLY A 93 5.18 8.69 -10.75
N MET A 94 5.24 8.12 -9.53
CA MET A 94 4.06 7.85 -8.72
C MET A 94 3.57 9.13 -8.05
N ILE A 95 2.24 9.26 -7.94
CA ILE A 95 1.62 10.34 -7.21
C ILE A 95 1.27 9.88 -5.80
N LEU A 96 1.72 10.64 -4.78
CA LEU A 96 1.47 10.31 -3.39
C LEU A 96 0.05 10.78 -3.05
N LEU A 97 -0.74 9.88 -2.46
CA LEU A 97 -2.10 10.21 -2.04
C LEU A 97 -2.16 10.24 -0.52
N ALA A 98 -3.33 10.59 0.02
CA ALA A 98 -3.51 10.72 1.45
C ALA A 98 -3.84 9.36 2.05
N GLU A 99 -3.87 9.28 3.39
CA GLU A 99 -4.05 8.02 4.08
C GLU A 99 -5.43 7.42 3.76
N GLU A 100 -6.44 8.26 3.49
CA GLU A 100 -7.73 7.82 2.98
C GLU A 100 -8.05 8.57 1.70
N GLU A 101 -8.51 7.84 0.66
CA GLU A 101 -9.01 8.48 -0.55
C GLU A 101 -10.32 7.84 -0.98
N ARG A 102 -11.25 8.68 -1.46
CA ARG A 102 -12.55 8.23 -1.94
C ARG A 102 -12.52 8.39 -3.44
N LEU A 103 -12.57 7.26 -4.16
CA LEU A 103 -12.39 7.22 -5.59
C LEU A 103 -13.74 7.10 -6.28
N ASP A 104 -13.77 7.52 -7.55
CA ASP A 104 -14.90 7.25 -8.44
C ASP A 104 -14.42 6.32 -9.54
N LEU A 105 -14.78 5.04 -9.43
CA LEU A 105 -14.35 4.04 -10.39
C LEU A 105 -15.56 3.66 -11.23
N TYR A 106 -15.63 4.25 -12.43
CA TYR A 106 -16.71 4.06 -13.41
C TYR A 106 -18.07 4.24 -12.74
N GLY A 107 -18.21 5.24 -11.88
CA GLY A 107 -19.47 5.49 -11.19
C GLY A 107 -19.58 4.83 -9.82
N ARG A 108 -18.66 3.91 -9.49
CA ARG A 108 -18.69 3.27 -8.19
C ARG A 108 -17.77 4.02 -7.23
N GLU A 109 -18.29 4.38 -6.06
CA GLU A 109 -17.52 5.12 -5.08
C GLU A 109 -16.83 4.12 -4.15
N VAL A 110 -15.49 4.15 -4.13
CA VAL A 110 -14.67 3.25 -3.34
C VAL A 110 -13.71 4.03 -2.44
N LEU A 111 -13.69 3.67 -1.16
CA LEU A 111 -12.68 4.09 -0.18
C LEU A 111 -11.45 3.18 -0.23
N ILE A 112 -10.25 3.79 -0.33
CA ILE A 112 -8.98 3.08 -0.28
C ILE A 112 -8.12 3.62 0.87
N MET A 113 -7.36 2.70 1.47
CA MET A 113 -6.41 3.04 2.53
C MET A 113 -5.47 1.86 2.73
N HIS A 114 -4.41 2.07 3.52
CA HIS A 114 -3.54 0.95 3.88
C HIS A 114 -4.29 -0.06 4.75
N GLY A 115 -4.96 0.44 5.80
CA GLY A 115 -5.78 -0.39 6.68
C GLY A 115 -5.28 -0.38 8.11
N ASP A 116 -4.04 0.07 8.34
CA ASP A 116 -3.48 0.11 9.68
C ASP A 116 -4.29 1.02 10.60
N THR A 117 -4.89 2.10 10.08
CA THR A 117 -5.67 3.01 10.91
C THR A 117 -6.95 2.36 11.44
N LEU A 118 -7.41 1.27 10.81
CA LEU A 118 -8.62 0.57 11.23
C LEU A 118 -8.32 -0.37 12.40
N CYS A 119 -7.05 -0.60 12.70
CA CYS A 119 -6.67 -1.60 13.68
C CYS A 119 -6.60 -0.97 15.08
N THR A 120 -7.73 -0.47 15.57
CA THR A 120 -7.76 0.39 16.74
C THR A 120 -7.62 -0.38 18.04
N ASP A 121 -7.56 -1.72 17.98
CA ASP A 121 -7.32 -2.52 19.17
C ASP A 121 -5.84 -2.56 19.55
N ASP A 122 -4.96 -2.08 18.66
CA ASP A 122 -3.52 -2.14 18.92
C ASP A 122 -3.06 -0.78 19.41
N GLN A 123 -3.03 -0.60 20.74
CA GLN A 123 -2.68 0.66 21.37
C GLN A 123 -1.24 1.00 21.05
N GLY A 124 -0.36 0.02 21.29
CA GLY A 124 1.06 0.09 20.97
C GLY A 124 1.31 0.58 19.55
N TYR A 125 0.71 -0.07 18.55
CA TYR A 125 0.93 0.37 17.19
C TYR A 125 0.49 1.83 17.03
N LEU A 126 -0.70 2.19 17.51
CA LEU A 126 -1.24 3.51 17.24
C LEU A 126 -0.44 4.63 17.93
N ALA A 127 0.11 4.36 19.12
CA ALA A 127 1.01 5.30 19.78
C ALA A 127 2.25 5.53 18.91
N PHE A 128 2.79 4.45 18.36
CA PHE A 128 3.93 4.50 17.45
C PHE A 128 3.58 5.35 16.23
N ARG A 129 2.43 5.03 15.62
CA ARG A 129 2.05 5.65 14.38
C ARG A 129 1.92 7.16 14.56
N ALA A 130 1.32 7.58 15.68
CA ALA A 130 1.07 8.99 15.95
C ALA A 130 2.39 9.75 15.99
N LYS A 131 3.40 9.15 16.62
CA LYS A 131 4.72 9.76 16.74
C LYS A 131 5.36 9.87 15.36
N VAL A 132 5.45 8.75 14.60
CA VAL A 132 6.20 8.78 13.36
C VAL A 132 5.45 9.55 12.27
N HIS A 133 4.17 9.89 12.51
CA HIS A 133 3.43 10.73 11.58
C HIS A 133 3.48 12.21 11.97
N THR A 134 4.12 12.54 13.10
CA THR A 134 4.35 13.93 13.48
C THR A 134 5.44 14.52 12.60
N PRO A 135 5.21 15.59 11.79
CA PRO A 135 6.21 16.02 10.82
C PRO A 135 7.59 16.28 11.45
N TRP A 136 7.65 16.92 12.62
CA TRP A 136 8.93 17.32 13.17
C TRP A 136 9.72 16.11 13.69
N ILE A 137 9.03 15.02 14.06
CA ILE A 137 9.71 13.78 14.40
C ILE A 137 10.25 13.13 13.14
N GLN A 138 9.54 13.23 12.01
CA GLN A 138 10.06 12.70 10.77
C GLN A 138 11.32 13.45 10.32
N ARG A 139 11.30 14.78 10.45
CA ARG A 139 12.31 15.64 9.85
C ARG A 139 13.61 15.57 10.67
N LEU A 140 13.45 15.31 11.96
CA LEU A 140 14.53 14.97 12.87
C LEU A 140 15.25 13.69 12.46
N PHE A 141 14.47 12.62 12.24
CA PHE A 141 15.03 11.33 11.90
C PHE A 141 15.77 11.44 10.57
N LEU A 142 15.15 12.15 9.63
CA LEU A 142 15.63 12.24 8.26
C LEU A 142 16.88 13.13 8.17
N ALA A 143 17.05 14.04 9.14
CA ALA A 143 18.21 14.93 9.19
C ALA A 143 19.46 14.22 9.75
N LEU A 144 19.30 13.07 10.40
CA LEU A 144 20.43 12.27 10.84
C LEU A 144 21.21 11.77 9.63
N PRO A 145 22.51 11.45 9.81
CA PRO A 145 23.29 10.76 8.78
C PRO A 145 22.70 9.37 8.48
N LEU A 146 22.77 8.96 7.22
CA LEU A 146 22.18 7.71 6.78
C LEU A 146 22.68 6.55 7.65
N PHE A 147 23.98 6.56 8.02
CA PHE A 147 24.55 5.43 8.74
C PHE A 147 23.91 5.30 10.13
N ILE A 148 23.48 6.43 10.71
CA ILE A 148 22.81 6.43 12.01
C ILE A 148 21.35 5.99 11.88
N ARG A 149 20.69 6.34 10.76
CA ARG A 149 19.34 5.87 10.50
C ARG A 149 19.32 4.35 10.36
N HIS A 150 20.32 3.77 9.70
CA HIS A 150 20.44 2.32 9.56
C HIS A 150 20.60 1.63 10.92
N ARG A 151 21.44 2.19 11.80
CA ARG A 151 21.63 1.61 13.13
C ARG A 151 20.31 1.64 13.89
N ILE A 152 19.56 2.74 13.74
CA ILE A 152 18.30 2.90 14.46
C ILE A 152 17.33 1.80 14.03
N ALA A 153 17.19 1.58 12.73
CA ALA A 153 16.33 0.54 12.20
C ALA A 153 16.75 -0.85 12.69
N ALA A 154 18.07 -1.15 12.60
CA ALA A 154 18.59 -2.45 13.00
C ALA A 154 18.31 -2.71 14.47
N ARG A 155 18.49 -1.68 15.31
CA ARG A 155 18.32 -1.80 16.75
C ARG A 155 16.85 -2.08 17.09
N MET A 156 15.94 -1.63 16.22
CA MET A 156 14.50 -1.82 16.42
C MET A 156 14.11 -3.27 16.21
N ARG A 157 14.54 -3.83 15.08
CA ARG A 157 14.45 -5.26 14.80
C ARG A 157 14.71 -6.09 16.06
N ALA A 158 15.85 -5.83 16.71
CA ALA A 158 16.30 -6.59 17.86
C ALA A 158 16.47 -5.67 19.09
N GLU A 170 2.92 -11.34 14.17
CA GLU A 170 1.47 -11.24 13.86
C GLU A 170 1.06 -9.78 13.77
N ILE A 171 0.14 -9.49 12.84
CA ILE A 171 -0.40 -8.16 12.65
C ILE A 171 -1.86 -8.18 13.13
N MET A 172 -2.20 -7.28 14.07
CA MET A 172 -3.56 -7.16 14.58
C MET A 172 -4.51 -6.87 13.42
N ASP A 173 -5.67 -7.57 13.44
CA ASP A 173 -6.70 -7.39 12.41
C ASP A 173 -7.49 -6.12 12.71
N VAL A 174 -8.34 -5.72 11.75
CA VAL A 174 -9.13 -4.50 11.86
C VAL A 174 -10.15 -4.64 13.00
N ASN A 175 -10.47 -3.50 13.63
CA ASN A 175 -11.61 -3.39 14.51
C ASN A 175 -12.87 -3.28 13.66
N PRO A 176 -13.86 -4.19 13.78
CA PRO A 176 -15.09 -4.11 12.97
C PRO A 176 -15.84 -2.77 12.98
N GLN A 177 -15.92 -2.12 14.15
CA GLN A 177 -16.59 -0.82 14.27
C GLN A 177 -15.84 0.25 13.49
N ALA A 178 -14.48 0.23 13.57
CA ALA A 178 -13.64 1.19 12.87
C ALA A 178 -13.87 1.11 11.36
N VAL A 179 -14.13 -0.11 10.86
CA VAL A 179 -14.43 -0.32 9.45
C VAL A 179 -15.74 0.38 9.08
N VAL A 180 -16.79 0.14 9.87
CA VAL A 180 -18.09 0.72 9.63
C VAL A 180 -17.97 2.26 9.68
N ASP A 181 -17.32 2.78 10.72
CA ASP A 181 -17.19 4.21 10.93
C ASP A 181 -16.53 4.86 9.72
N ALA A 182 -15.51 4.21 9.14
CA ALA A 182 -14.80 4.78 8.00
C ALA A 182 -15.67 4.80 6.75
N MET A 183 -16.36 3.68 6.49
CA MET A 183 -17.24 3.59 5.32
C MET A 183 -18.42 4.56 5.47
N GLU A 184 -18.84 4.82 6.72
CA GLU A 184 -19.94 5.76 6.98
C GLU A 184 -19.46 7.21 6.87
N ARG A 185 -18.23 7.53 7.32
CA ARG A 185 -17.68 8.86 7.12
C ARG A 185 -17.61 9.21 5.63
N HIS A 186 -17.32 8.23 4.77
CA HIS A 186 -17.20 8.51 3.34
C HIS A 186 -18.50 8.23 2.58
N HIS A 187 -19.50 7.66 3.26
CA HIS A 187 -20.76 7.28 2.64
C HIS A 187 -20.49 6.39 1.42
N VAL A 188 -19.81 5.25 1.64
CA VAL A 188 -19.50 4.35 0.55
C VAL A 188 -19.92 2.93 0.93
N GLN A 189 -20.12 2.09 -0.09
CA GLN A 189 -20.45 0.69 0.11
C GLN A 189 -19.27 -0.20 -0.23
N TRP A 190 -18.12 0.40 -0.57
CA TRP A 190 -16.93 -0.31 -0.98
C TRP A 190 -15.70 0.23 -0.26
N LEU A 191 -14.91 -0.68 0.33
CA LEU A 191 -13.59 -0.40 0.93
C LEU A 191 -12.58 -1.43 0.43
N ILE A 192 -11.41 -0.94 -0.02
CA ILE A 192 -10.26 -1.77 -0.38
C ILE A 192 -9.07 -1.38 0.49
N HIS A 193 -8.43 -2.37 1.14
CA HIS A 193 -7.24 -2.12 1.95
C HIS A 193 -6.35 -3.37 1.99
N GLY A 194 -5.19 -3.22 2.62
CA GLY A 194 -4.27 -4.31 2.92
C GLY A 194 -3.93 -4.32 4.41
N HIS A 195 -2.63 -4.34 4.71
CA HIS A 195 -2.06 -4.27 6.05
C HIS A 195 -2.20 -5.59 6.84
N THR A 196 -3.41 -6.15 6.88
CA THR A 196 -3.72 -7.25 7.79
C THR A 196 -3.20 -8.59 7.25
N HIS A 197 -2.83 -8.63 5.96
CA HIS A 197 -2.30 -9.83 5.32
C HIS A 197 -3.30 -10.99 5.40
N ARG A 198 -4.61 -10.69 5.39
CA ARG A 198 -5.66 -11.71 5.44
C ARG A 198 -6.57 -11.51 4.23
N PRO A 199 -6.14 -11.92 3.02
CA PRO A 199 -6.92 -11.67 1.81
C PRO A 199 -8.29 -12.33 1.91
N ALA A 200 -9.34 -11.57 1.58
CA ALA A 200 -10.72 -11.97 1.80
C ALA A 200 -11.67 -10.93 1.19
N VAL A 201 -12.91 -11.35 0.88
CA VAL A 201 -14.01 -10.44 0.69
C VAL A 201 -14.96 -10.58 1.87
N HIS A 202 -15.36 -9.44 2.45
CA HIS A 202 -16.25 -9.43 3.60
C HIS A 202 -17.52 -8.67 3.22
N GLU A 203 -18.66 -9.17 3.70
CA GLU A 203 -19.90 -8.41 3.59
C GLU A 203 -20.20 -7.78 4.95
N LEU A 204 -20.73 -6.54 4.93
CA LEU A 204 -21.25 -5.92 6.14
C LEU A 204 -22.38 -4.95 5.75
N GLN A 205 -22.80 -4.14 6.73
CA GLN A 205 -23.79 -3.09 6.52
C GLN A 205 -23.16 -1.72 6.82
N ALA A 206 -23.37 -0.76 5.92
CA ALA A 206 -23.00 0.62 6.17
C ALA A 206 -23.92 1.55 5.39
N ASN A 207 -24.32 2.64 6.05
CA ASN A 207 -25.18 3.64 5.46
C ASN A 207 -26.56 3.03 5.19
N GLY A 208 -26.93 2.05 6.03
CA GLY A 208 -28.21 1.36 5.95
C GLY A 208 -28.31 0.34 4.81
N GLN A 209 -27.23 0.16 4.04
CA GLN A 209 -27.22 -0.73 2.88
C GLN A 209 -26.15 -1.81 3.03
N PRO A 210 -26.19 -2.90 2.22
CA PRO A 210 -25.07 -3.82 2.14
C PRO A 210 -23.75 -3.14 1.70
N ALA A 211 -22.64 -3.56 2.32
CA ALA A 211 -21.32 -3.07 1.95
C ALA A 211 -20.32 -4.22 1.93
N TRP A 212 -19.18 -3.97 1.26
CA TRP A 212 -18.12 -4.94 1.04
C TRP A 212 -16.75 -4.33 1.37
N ARG A 213 -15.95 -5.10 2.11
CA ARG A 213 -14.57 -4.77 2.43
C ARG A 213 -13.68 -5.82 1.79
N VAL A 214 -12.91 -5.38 0.80
CA VAL A 214 -12.03 -6.24 0.03
C VAL A 214 -10.59 -6.07 0.53
N VAL A 215 -10.01 -7.18 1.04
CA VAL A 215 -8.69 -7.15 1.66
C VAL A 215 -7.67 -7.83 0.77
N LEU A 216 -6.59 -7.08 0.45
CA LEU A 216 -5.44 -7.58 -0.30
C LEU A 216 -4.54 -8.47 0.57
N GLY A 217 -3.76 -9.32 -0.09
CA GLY A 217 -2.80 -10.19 0.55
C GLY A 217 -1.38 -9.67 0.40
N ALA A 218 -0.49 -10.18 1.27
CA ALA A 218 0.93 -9.93 1.15
C ALA A 218 1.53 -10.79 0.04
N TRP A 219 2.62 -10.31 -0.55
CA TRP A 219 3.33 -11.03 -1.60
C TRP A 219 4.41 -11.89 -0.97
N HIS A 220 4.28 -13.21 -1.06
CA HIS A 220 5.37 -14.10 -0.73
C HIS A 220 5.43 -15.19 -1.80
N SER A 221 4.65 -16.27 -1.64
CA SER A 221 4.59 -17.32 -2.64
C SER A 221 3.62 -16.93 -3.76
N GLU A 222 2.65 -16.06 -3.42
CA GLU A 222 1.69 -15.54 -4.38
C GLU A 222 1.76 -14.01 -4.43
N GLY A 223 1.23 -13.45 -5.53
CA GLY A 223 0.78 -12.07 -5.55
C GLY A 223 -0.74 -12.00 -5.43
N SER A 224 -1.25 -10.79 -5.16
CA SER A 224 -2.69 -10.54 -5.13
C SER A 224 -2.95 -9.13 -5.67
N MET A 225 -4.15 -8.97 -6.24
CA MET A 225 -4.65 -7.69 -6.71
C MET A 225 -6.17 -7.69 -6.63
N VAL A 226 -6.73 -6.47 -6.57
CA VAL A 226 -8.15 -6.23 -6.70
C VAL A 226 -8.34 -5.53 -8.03
N LYS A 227 -9.24 -6.07 -8.86
CA LYS A 227 -9.51 -5.54 -10.18
C LYS A 227 -10.92 -4.99 -10.17
N VAL A 228 -11.05 -3.69 -10.46
CA VAL A 228 -12.34 -3.03 -10.50
C VAL A 228 -12.66 -2.66 -11.94
N THR A 229 -13.80 -3.14 -12.45
CA THR A 229 -14.32 -2.77 -13.76
C THR A 229 -15.68 -2.07 -13.56
N PRO A 230 -16.28 -1.50 -14.63
CA PRO A 230 -17.60 -0.90 -14.51
C PRO A 230 -18.60 -1.79 -13.75
N ASP A 231 -18.60 -3.10 -14.02
CA ASP A 231 -19.62 -3.99 -13.49
C ASP A 231 -19.13 -4.88 -12.34
N ASP A 232 -17.82 -5.03 -12.11
CA ASP A 232 -17.33 -6.04 -11.19
C ASP A 232 -16.20 -5.56 -10.29
N VAL A 233 -16.03 -6.28 -9.17
CA VAL A 233 -14.91 -6.13 -8.27
C VAL A 233 -14.44 -7.53 -7.85
N GLU A 234 -13.17 -7.85 -8.16
CA GLU A 234 -12.60 -9.17 -7.94
C GLU A 234 -11.28 -9.08 -7.17
N LEU A 235 -11.14 -9.90 -6.12
CA LEU A 235 -9.86 -10.20 -5.49
C LEU A 235 -9.24 -11.43 -6.17
N ILE A 236 -8.02 -11.24 -6.69
CA ILE A 236 -7.30 -12.24 -7.44
C ILE A 236 -5.95 -12.57 -6.79
N HIS A 237 -5.72 -13.88 -6.57
CA HIS A 237 -4.42 -14.40 -6.19
C HIS A 237 -3.76 -15.05 -7.39
N PHE A 238 -2.46 -14.80 -7.60
CA PHE A 238 -1.67 -15.46 -8.63
C PHE A 238 -0.36 -15.99 -8.06
N PRO A 239 0.01 -17.26 -8.34
CA PRO A 239 1.29 -17.79 -7.91
C PRO A 239 2.37 -17.19 -8.82
N PHE A 240 3.62 -17.17 -8.35
CA PHE A 240 4.76 -16.83 -9.19
C PHE A 240 5.30 -18.12 -9.84
N HIS A 241 4.62 -18.59 -10.88
CA HIS A 241 4.95 -19.86 -11.52
C HIS A 241 5.90 -19.67 -12.70
N HIS A 242 6.15 -18.41 -13.13
CA HIS A 242 7.15 -18.14 -14.15
C HIS A 242 8.50 -17.86 -13.48
MN MN B . 2.02 -5.33 5.18
MN MN C . 1.06 -2.73 6.96
C5 VTF D . 11.11 7.94 12.63
C6 VTF D . 11.77 8.02 13.83
N7 VTF D . 12.03 4.62 11.55
C8 VTF D . 11.80 4.81 10.15
C9 VTF D . 11.22 3.50 9.62
C10 VTF D . 13.14 3.74 11.78
C11 VTF D . 12.69 2.33 11.30
C1 VTF D . 12.53 6.93 14.27
N2 VTF D . 12.62 5.83 13.51
C3 VTF D . 12.05 5.80 12.29
N4 VTF D . 11.25 6.81 11.88
N12 VTF D . 12.20 2.40 9.86
S13 VTF D . 11.56 0.94 9.35
C14 VTF D . 10.25 0.42 10.41
O15 VTF D . 11.11 1.10 7.99
O16 VTF D . 12.61 0.00 9.41
C17 VTF D . 10.56 -0.23 11.56
C18 VTF D . 9.56 -0.62 12.43
C19 VTF D . 8.22 -0.40 12.15
C20 VTF D . 8.88 0.68 10.08
C21 VTF D . 7.87 0.28 10.98
N22 VTF D . 7.28 -0.78 13.12
C23 VTF D . 5.93 -0.92 12.92
O24 VTF D . 5.42 -0.73 11.82
C25 VTF D . 5.08 -1.34 14.11
C26 VTF D . 5.28 -0.72 15.34
C27 VTF D . 4.53 -1.11 16.44
C28 VTF D . 3.62 -2.15 16.34
C29 VTF D . 3.43 -2.79 15.12
C30 VTF D . 4.17 -2.40 14.00
N31 VTF D . 3.93 -3.04 12.71
C32 VTF D . 2.54 -3.54 12.61
S33 VTF D . 5.00 -4.24 12.43
C34 VTF D . 4.59 -5.65 13.45
O35 VTF D . 4.95 -4.60 11.04
O36 VTF D . 6.30 -3.79 12.74
C37 VTF D . 10.26 9.08 12.10
C38 VTF D . 13.20 6.99 15.51
N39 VTF D . 13.80 6.91 16.47
#